data_4CD4
#
_entry.id   4CD4
#
_cell.length_a   84.518
_cell.length_b   84.518
_cell.length_c   244.491
_cell.angle_alpha   90.00
_cell.angle_beta   90.00
_cell.angle_gamma   120.00
#
_symmetry.space_group_name_H-M   'P 61 2 2'
#
loop_
_entity.id
_entity.type
_entity.pdbx_description
1 polymer 'ENDO-1,4-BETA MANNANASE, PUTATIVE, MAN26C'
2 non-polymer 'SODIUM ION'
3 non-polymer beta-D-mannopyranose
4 non-polymer 5-HYDROXYMETHYL-3,4-DIHYDROXYPIPERIDINE
5 water water
#
_entity_poly.entity_id   1
_entity_poly.type   'polypeptide(L)'
_entity_poly.pdbx_seq_one_letter_code
;MSTSSISLSLMAALMLSAGLLLGCSEKPAESAAAVADSATTTAPQSGKPETALPALIDTQATAETRALYRNLAKLRYKHL
LFGHEDSLAYGVHWEGDMDRSDVRDVTGANPAVYGWELGGLELGHTANLDAVNFEKMQHWIKAGYSRGGVITISWHVFNP
VSGGNSWDKTPAVHELIPGGARHATLKAYLDTFVAFNEGLADVDAQGNKHYPPIIFRPWHEHNGDWFWWGKGHASEQDYI
ALWRFTVHYLRDEKKLRNLIYAYSPDRSRIDMANFEAGYLYGYPGDAYVDIIGLDNYWDVGHEANTASADEQKAALTASL
KQLVQIARSKGKIAALTETGNNRLTIDNFWTERLLGPISADADASEIAYVMVWRNANLAREKSEQFFAPFPGQATADDFK
RFYQSEVVLFEDELPPLYR
;
_entity_poly.pdbx_strand_id   A
#
loop_
_chem_comp.id
_chem_comp.type
_chem_comp.name
_chem_comp.formula
BMA D-saccharide, beta linking beta-D-mannopyranose 'C6 H12 O6'
IFM non-polymer 5-HYDROXYMETHYL-3,4-DIHYDROXYPIPERIDINE 'C6 H13 N O3'
NA non-polymer 'SODIUM ION' 'Na 1'
#
# COMPACT_ATOMS: atom_id res chain seq x y z
N LEU A 53 10.60 9.37 16.58
CA LEU A 53 12.07 9.26 16.35
C LEU A 53 12.45 8.83 14.91
N PRO A 54 11.67 7.96 14.22
CA PRO A 54 11.94 7.89 12.78
C PRO A 54 11.77 9.26 12.11
N ALA A 55 12.59 9.54 11.12
CA ALA A 55 12.57 10.78 10.36
C ALA A 55 12.33 10.46 8.91
N LEU A 56 11.48 11.24 8.24
CA LEU A 56 11.22 11.08 6.81
C LEU A 56 12.46 11.41 5.95
N ILE A 57 12.53 10.77 4.78
CA ILE A 57 13.56 11.13 3.83
C ILE A 57 13.34 12.51 3.24
N ASP A 58 12.12 13.04 3.24
CA ASP A 58 11.89 14.43 2.86
C ASP A 58 12.00 15.28 4.12
N THR A 59 13.15 15.92 4.25
CA THR A 59 13.44 16.79 5.39
C THR A 59 12.56 18.04 5.43
N GLN A 60 11.85 18.32 4.33
CA GLN A 60 11.01 19.49 4.19
C GLN A 60 9.54 19.10 4.07
N ALA A 61 9.20 17.87 4.43
CA ALA A 61 7.83 17.41 4.30
C ALA A 61 6.86 18.36 5.00
N THR A 62 5.65 18.44 4.45
CA THR A 62 4.64 19.31 5.05
C THR A 62 4.37 18.93 6.49
N ALA A 63 3.84 19.89 7.24
CA ALA A 63 3.52 19.65 8.65
C ALA A 63 2.62 18.42 8.83
N GLU A 64 1.64 18.29 7.95
CA GLU A 64 0.70 17.17 8.06
C GLU A 64 1.38 15.84 7.76
N THR A 65 2.32 15.85 6.81
CA THR A 65 3.02 14.62 6.43
C THR A 65 3.98 14.19 7.54
N ARG A 66 4.72 15.15 8.10
N ARG A 66 4.72 15.14 8.09
CA ARG A 66 5.58 14.89 9.25
CA ARG A 66 5.58 14.86 9.21
C ARG A 66 4.76 14.36 10.42
C ARG A 66 4.77 14.36 10.42
N ALA A 67 3.62 14.99 10.67
CA ALA A 67 2.75 14.55 11.77
C ALA A 67 2.26 13.12 11.57
N LEU A 68 1.84 12.78 10.35
CA LEU A 68 1.38 11.42 10.11
C LEU A 68 2.47 10.41 10.44
N TYR A 69 3.67 10.63 9.93
CA TYR A 69 4.76 9.69 10.17
C TYR A 69 5.06 9.56 11.68
N ARG A 70 5.14 10.68 12.37
CA ARG A 70 5.39 10.69 13.81
C ARG A 70 4.28 9.92 14.56
N ASN A 71 3.03 10.16 14.19
CA ASN A 71 1.92 9.52 14.87
C ASN A 71 1.81 8.04 14.56
N LEU A 72 2.13 7.62 13.33
CA LEU A 72 2.24 6.19 13.06
C LEU A 72 3.34 5.57 13.91
N ALA A 73 4.47 6.26 14.08
CA ALA A 73 5.56 5.72 14.87
C ALA A 73 5.16 5.53 16.33
N LYS A 74 4.30 6.43 16.82
CA LYS A 74 3.79 6.28 18.22
CA LYS A 74 3.78 6.31 18.20
C LYS A 74 2.69 5.20 18.42
N LEU A 75 1.76 5.17 17.46
CA LEU A 75 0.58 4.29 17.53
CA LEU A 75 0.59 4.29 17.63
C LEU A 75 0.92 2.83 17.33
N ARG A 76 2.00 2.55 16.61
CA ARG A 76 2.29 1.19 16.16
C ARG A 76 2.48 0.18 17.29
N TYR A 77 2.90 0.63 18.46
CA TYR A 77 3.21 -0.33 19.54
C TYR A 77 1.95 -1.03 20.04
N LYS A 78 0.87 -0.26 20.19
CA LYS A 78 -0.38 -0.77 20.78
C LYS A 78 -1.49 -0.95 19.78
N HIS A 79 -1.33 -0.45 18.56
CA HIS A 79 -2.40 -0.46 17.60
C HIS A 79 -1.94 -0.83 16.20
N LEU A 80 -2.94 -1.20 15.45
CA LEU A 80 -2.86 -1.56 14.03
CA LEU A 80 -2.80 -1.58 14.05
C LEU A 80 -3.97 -0.88 13.22
N LEU A 81 -3.61 -0.02 12.27
CA LEU A 81 -4.64 0.57 11.41
C LEU A 81 -5.06 -0.42 10.34
N PHE A 82 -6.36 -0.51 10.07
CA PHE A 82 -6.87 -1.34 9.00
C PHE A 82 -7.10 -0.57 7.70
N GLY A 83 -6.62 -1.13 6.59
CA GLY A 83 -6.79 -0.56 5.28
C GLY A 83 -7.51 -1.44 4.28
N HIS A 84 -8.11 -0.80 3.27
CA HIS A 84 -8.76 -1.51 2.17
C HIS A 84 -8.53 -0.73 0.88
N GLU A 85 -8.23 -1.45 -0.19
CA GLU A 85 -8.05 -0.89 -1.52
C GLU A 85 -9.37 -0.58 -2.21
N ASP A 86 -9.44 0.57 -2.87
CA ASP A 86 -10.60 0.99 -3.69
C ASP A 86 -11.89 0.99 -2.85
N SER A 87 -11.78 1.34 -1.58
CA SER A 87 -12.87 1.01 -0.65
C SER A 87 -14.13 1.80 -0.90
N LEU A 88 -13.99 3.04 -1.38
CA LEU A 88 -15.11 3.90 -1.68
C LEU A 88 -15.54 3.83 -3.15
N ALA A 89 -14.78 3.15 -4.00
CA ALA A 89 -15.10 3.19 -5.42
C ALA A 89 -16.22 2.26 -5.84
N TYR A 90 -16.27 1.09 -5.23
CA TYR A 90 -17.22 0.03 -5.58
C TYR A 90 -17.07 -1.05 -4.53
N GLY A 91 -18.00 -1.98 -4.57
CA GLY A 91 -17.91 -3.21 -3.82
C GLY A 91 -18.32 -4.37 -4.69
N VAL A 92 -18.44 -5.54 -4.07
CA VAL A 92 -18.72 -6.74 -4.84
C VAL A 92 -20.08 -6.62 -5.55
N HIS A 93 -21.04 -6.03 -4.85
CA HIS A 93 -22.44 -6.00 -5.30
C HIS A 93 -23.00 -4.60 -5.58
N TRP A 94 -22.13 -3.59 -5.66
CA TRP A 94 -22.58 -2.22 -5.91
C TRP A 94 -21.49 -1.41 -6.57
N GLU A 95 -21.92 -0.40 -7.31
CA GLU A 95 -21.03 0.63 -7.86
C GLU A 95 -21.87 1.83 -8.27
N GLY A 96 -21.42 3.03 -7.93
CA GLY A 96 -22.05 4.28 -8.32
C GLY A 96 -22.26 5.23 -7.17
N ASP A 97 -22.57 4.69 -6.01
CA ASP A 97 -22.76 5.49 -4.80
C ASP A 97 -21.51 6.31 -4.54
N MET A 98 -21.67 7.58 -4.21
CA MET A 98 -20.53 8.46 -4.00
C MET A 98 -20.02 8.47 -2.57
N ASP A 99 -20.69 7.78 -1.64
CA ASP A 99 -20.15 7.65 -0.28
C ASP A 99 -20.55 6.33 0.35
N ARG A 100 -19.92 5.26 -0.08
CA ARG A 100 -20.23 3.91 0.40
C ARG A 100 -18.98 3.07 0.41
N SER A 101 -18.96 2.05 1.28
CA SER A 101 -17.87 1.05 1.30
C SER A 101 -18.41 -0.27 1.81
N ASP A 102 -17.99 -1.38 1.22
CA ASP A 102 -18.33 -2.71 1.79
C ASP A 102 -17.90 -2.81 3.25
N VAL A 103 -16.75 -2.22 3.57
CA VAL A 103 -16.22 -2.30 4.94
C VAL A 103 -17.17 -1.63 5.91
N ARG A 104 -17.67 -0.45 5.56
CA ARG A 104 -18.60 0.30 6.39
C ARG A 104 -19.97 -0.41 6.45
N ASP A 105 -20.40 -1.01 5.34
CA ASP A 105 -21.67 -1.71 5.36
C ASP A 105 -21.63 -2.86 6.35
N VAL A 106 -20.49 -3.50 6.56
CA VAL A 106 -20.38 -4.57 7.55
C VAL A 106 -20.23 -4.05 8.97
N THR A 107 -19.32 -3.09 9.18
CA THR A 107 -18.89 -2.72 10.53
C THR A 107 -19.48 -1.43 11.08
N GLY A 108 -20.01 -0.59 10.19
CA GLY A 108 -20.39 0.74 10.52
C GLY A 108 -19.29 1.79 10.41
N ALA A 109 -18.06 1.38 10.08
CA ALA A 109 -16.90 2.29 10.00
C ALA A 109 -16.18 2.12 8.68
N ASN A 110 -15.63 3.22 8.18
CA ASN A 110 -14.69 3.17 7.07
C ASN A 110 -13.35 2.60 7.51
N PRO A 111 -12.57 2.06 6.56
CA PRO A 111 -11.20 1.71 6.91
C PRO A 111 -10.43 2.96 7.36
N ALA A 112 -9.42 2.75 8.19
CA ALA A 112 -8.49 3.83 8.56
C ALA A 112 -7.57 4.23 7.42
N VAL A 113 -7.16 3.28 6.61
CA VAL A 113 -6.25 3.49 5.49
C VAL A 113 -6.99 3.16 4.21
N TYR A 114 -6.97 4.09 3.27
CA TYR A 114 -7.57 3.95 1.96
C TYR A 114 -6.48 3.78 0.90
N GLY A 115 -6.46 2.62 0.25
CA GLY A 115 -5.57 2.40 -0.87
C GLY A 115 -6.22 2.76 -2.19
N TRP A 116 -5.41 3.34 -3.08
CA TRP A 116 -5.82 3.71 -4.42
C TRP A 116 -4.71 3.35 -5.39
N GLU A 117 -5.05 3.32 -6.68
CA GLU A 117 -4.20 2.72 -7.71
C GLU A 117 -4.22 3.60 -8.96
N LEU A 118 -3.05 3.95 -9.46
CA LEU A 118 -2.94 4.92 -10.56
C LEU A 118 -2.75 4.33 -11.96
N GLY A 119 -2.64 3.02 -12.13
CA GLY A 119 -2.29 2.49 -13.46
C GLY A 119 -3.22 3.00 -14.54
N GLY A 120 -2.61 3.55 -15.59
CA GLY A 120 -3.33 4.17 -16.70
C GLY A 120 -3.27 5.70 -16.67
N LEU A 121 -3.04 6.29 -15.51
CA LEU A 121 -2.86 7.74 -15.39
C LEU A 121 -1.77 8.22 -16.33
N GLU A 122 -0.69 7.47 -16.43
CA GLU A 122 0.48 7.83 -17.21
C GLU A 122 0.19 7.87 -18.71
N LEU A 123 -0.87 7.20 -19.13
CA LEU A 123 -1.29 7.16 -20.53
C LEU A 123 -2.36 8.20 -20.84
N GLY A 124 -2.69 9.03 -19.87
CA GLY A 124 -3.71 10.03 -20.04
C GLY A 124 -5.14 9.52 -20.01
N HIS A 125 -5.34 8.32 -19.48
CA HIS A 125 -6.69 7.74 -19.39
C HIS A 125 -7.52 8.49 -18.36
N THR A 126 -8.82 8.53 -18.61
CA THR A 126 -9.69 9.21 -17.63
CA THR A 126 -9.81 9.13 -17.73
C THR A 126 -10.05 8.33 -16.42
N ALA A 127 -9.80 7.02 -16.54
CA ALA A 127 -10.00 6.08 -15.45
C ALA A 127 -8.85 5.11 -15.41
N ASN A 128 -8.63 4.53 -14.23
CA ASN A 128 -7.52 3.59 -14.06
C ASN A 128 -7.80 2.21 -14.66
N LEU A 129 -6.86 1.30 -14.48
CA LEU A 129 -6.95 0.01 -15.15
C LEU A 129 -8.12 -0.86 -14.69
N ASP A 130 -8.72 -0.52 -13.55
CA ASP A 130 -9.92 -1.20 -13.03
C ASP A 130 -11.17 -0.31 -13.20
N ALA A 131 -11.07 0.69 -14.09
CA ALA A 131 -12.17 1.60 -14.43
C ALA A 131 -12.60 2.53 -13.30
N VAL A 132 -11.67 2.86 -12.39
CA VAL A 132 -11.96 3.88 -11.39
C VAL A 132 -11.64 5.24 -11.98
N ASN A 133 -12.65 6.08 -12.10
CA ASN A 133 -12.49 7.41 -12.67
C ASN A 133 -11.57 8.28 -11.81
N PHE A 134 -10.59 8.94 -12.43
CA PHE A 134 -9.58 9.67 -11.66
C PHE A 134 -10.12 10.89 -10.94
N GLU A 135 -11.06 11.58 -11.57
CA GLU A 135 -11.72 12.72 -10.84
CA GLU A 135 -11.70 12.69 -10.88
C GLU A 135 -12.51 12.29 -9.57
N LYS A 136 -13.21 11.14 -9.74
CA LYS A 136 -13.89 10.58 -8.57
C LYS A 136 -12.85 10.13 -7.52
N MET A 137 -11.75 9.55 -7.98
CA MET A 137 -10.68 9.13 -7.06
C MET A 137 -10.15 10.32 -6.26
N GLN A 138 -9.90 11.46 -6.92
CA GLN A 138 -9.46 12.66 -6.21
C GLN A 138 -10.49 13.08 -5.17
N HIS A 139 -11.77 13.05 -5.52
CA HIS A 139 -12.83 13.38 -4.57
C HIS A 139 -12.82 12.44 -3.37
N TRP A 140 -12.69 11.14 -3.64
CA TRP A 140 -12.67 10.15 -2.57
C TRP A 140 -11.46 10.24 -1.67
N ILE A 141 -10.29 10.56 -2.24
CA ILE A 141 -9.09 10.80 -1.45
C ILE A 141 -9.32 11.98 -0.52
N LYS A 142 -9.81 13.08 -1.08
CA LYS A 142 -10.07 14.26 -0.27
C LYS A 142 -11.10 13.99 0.82
N ALA A 143 -12.12 13.20 0.51
CA ALA A 143 -13.17 12.91 1.50
C ALA A 143 -12.61 12.06 2.64
N GLY A 144 -11.87 11.01 2.30
CA GLY A 144 -11.26 10.18 3.33
C GLY A 144 -10.29 10.95 4.21
N TYR A 145 -9.43 11.75 3.59
CA TYR A 145 -8.50 12.59 4.33
C TYR A 145 -9.23 13.57 5.24
N SER A 146 -10.33 14.15 4.76
CA SER A 146 -11.09 15.12 5.56
C SER A 146 -11.65 14.49 6.84
N ARG A 147 -11.91 13.19 6.82
CA ARG A 147 -12.38 12.46 7.98
C ARG A 147 -11.25 11.97 8.87
N GLY A 148 -9.99 12.24 8.50
CA GLY A 148 -8.85 11.82 9.31
C GLY A 148 -8.19 10.53 8.85
N GLY A 149 -8.69 9.93 7.78
CA GLY A 149 -8.11 8.70 7.27
C GLY A 149 -6.75 8.93 6.59
N VAL A 150 -6.05 7.84 6.33
CA VAL A 150 -4.74 7.79 5.73
C VAL A 150 -4.89 7.36 4.28
N ILE A 151 -4.06 7.92 3.40
CA ILE A 151 -4.11 7.67 1.97
C ILE A 151 -2.83 6.96 1.53
N THR A 152 -2.96 5.85 0.78
CA THR A 152 -1.80 5.19 0.18
C THR A 152 -2.11 4.88 -1.27
N ILE A 153 -1.08 4.96 -2.13
CA ILE A 153 -1.24 4.84 -3.56
C ILE A 153 -0.19 3.91 -4.15
N SER A 154 -0.64 2.92 -4.93
CA SER A 154 0.20 2.07 -5.73
C SER A 154 0.01 2.42 -7.21
N TRP A 155 0.86 1.82 -8.06
CA TRP A 155 0.89 2.22 -9.47
C TRP A 155 1.32 1.06 -10.36
N HIS A 156 0.34 0.39 -10.95
CA HIS A 156 0.56 -0.68 -11.93
C HIS A 156 0.80 0.00 -13.29
N VAL A 157 2.04 0.47 -13.46
CA VAL A 157 2.41 1.25 -14.65
C VAL A 157 2.36 0.34 -15.89
N PHE A 158 1.74 0.85 -16.94
CA PHE A 158 1.69 0.14 -18.21
C PHE A 158 3.09 0.04 -18.80
N ASN A 159 3.29 -0.97 -19.65
CA ASN A 159 4.58 -1.19 -20.28
C ASN A 159 4.81 -0.17 -21.41
N PRO A 160 5.80 0.73 -21.28
CA PRO A 160 5.94 1.78 -22.31
C PRO A 160 6.47 1.23 -23.64
N VAL A 161 7.19 0.12 -23.61
CA VAL A 161 7.80 -0.41 -24.82
C VAL A 161 6.73 -1.04 -25.70
N SER A 162 5.84 -1.83 -25.12
CA SER A 162 4.84 -2.56 -25.91
C SER A 162 3.48 -1.89 -25.95
N GLY A 163 3.23 -1.02 -24.98
CA GLY A 163 1.89 -0.50 -24.76
C GLY A 163 0.96 -1.46 -24.04
N GLY A 164 1.46 -2.62 -23.62
CA GLY A 164 0.68 -3.54 -22.80
C GLY A 164 0.66 -3.10 -21.35
N ASN A 165 0.06 -3.92 -20.50
CA ASN A 165 -0.08 -3.61 -19.08
C ASN A 165 1.13 -4.05 -18.25
N SER A 166 1.02 -3.91 -16.93
CA SER A 166 2.15 -4.23 -16.05
C SER A 166 2.61 -5.69 -16.10
N TRP A 167 1.71 -6.57 -16.53
CA TRP A 167 1.99 -8.00 -16.63
C TRP A 167 2.62 -8.40 -17.97
N ASP A 168 2.74 -7.45 -18.90
CA ASP A 168 3.50 -7.66 -20.13
C ASP A 168 4.97 -7.50 -19.73
N LYS A 169 5.72 -8.58 -19.86
CA LYS A 169 7.08 -8.68 -19.33
C LYS A 169 8.16 -8.16 -20.29
N THR A 170 7.74 -7.52 -21.38
CA THR A 170 8.69 -6.91 -22.30
C THR A 170 9.65 -5.99 -21.50
N PRO A 171 10.99 -6.19 -21.64
CA PRO A 171 11.86 -5.37 -20.80
C PRO A 171 11.77 -3.87 -21.08
N ALA A 172 11.71 -3.09 -20.00
CA ALA A 172 11.59 -1.64 -20.09
C ALA A 172 12.42 -0.87 -19.09
N VAL A 173 12.76 -1.43 -17.93
CA VAL A 173 13.45 -0.65 -16.90
C VAL A 173 14.77 -0.05 -17.41
N HIS A 174 15.58 -0.84 -18.10
CA HIS A 174 16.87 -0.35 -18.60
C HIS A 174 16.68 0.88 -19.48
N GLU A 175 15.59 0.92 -20.24
CA GLU A 175 15.29 2.06 -21.12
CA GLU A 175 15.33 2.08 -21.11
C GLU A 175 14.81 3.29 -20.37
N LEU A 176 14.17 3.09 -19.22
CA LEU A 176 13.55 4.19 -18.48
C LEU A 176 14.47 4.96 -17.57
N ILE A 177 15.50 4.28 -17.04
CA ILE A 177 16.39 4.88 -16.06
C ILE A 177 17.26 5.98 -16.68
N PRO A 178 17.90 6.82 -15.86
CA PRO A 178 18.81 7.82 -16.41
C PRO A 178 19.82 7.19 -17.35
N GLY A 179 19.99 7.81 -18.52
CA GLY A 179 20.86 7.28 -19.57
C GLY A 179 20.17 6.38 -20.57
N GLY A 180 18.97 5.90 -20.23
CA GLY A 180 18.20 5.03 -21.09
C GLY A 180 17.45 5.79 -22.16
N ALA A 181 17.20 5.14 -23.28
CA ALA A 181 16.56 5.82 -24.42
C ALA A 181 15.17 6.35 -24.13
N ARG A 182 14.47 5.65 -23.24
CA ARG A 182 13.12 6.09 -22.84
CA ARG A 182 13.14 6.10 -22.83
C ARG A 182 13.04 6.94 -21.51
N HIS A 183 14.18 7.53 -21.14
CA HIS A 183 14.17 8.30 -19.89
C HIS A 183 13.15 9.45 -19.94
N ALA A 184 12.92 10.03 -21.12
CA ALA A 184 11.91 11.09 -21.25
C ALA A 184 10.51 10.56 -20.92
N THR A 185 10.26 9.29 -21.24
CA THR A 185 8.98 8.65 -20.94
C THR A 185 8.79 8.53 -19.44
N LEU A 186 9.83 8.14 -18.69
CA LEU A 186 9.69 8.03 -17.24
C LEU A 186 9.34 9.39 -16.64
N LYS A 187 9.99 10.45 -17.10
CA LYS A 187 9.67 11.78 -16.63
C LYS A 187 8.21 12.15 -16.94
N ALA A 188 7.77 11.91 -18.17
CA ALA A 188 6.39 12.20 -18.56
C ALA A 188 5.39 11.41 -17.68
N TYR A 189 5.69 10.13 -17.43
CA TYR A 189 4.82 9.32 -16.60
C TYR A 189 4.73 9.92 -15.19
N LEU A 190 5.87 10.21 -14.59
CA LEU A 190 5.86 10.79 -13.24
C LEU A 190 5.16 12.16 -13.20
N ASP A 191 5.30 12.94 -14.26
CA ASP A 191 4.61 14.24 -14.35
C ASP A 191 3.09 14.08 -14.25
N THR A 192 2.54 12.96 -14.74
CA THR A 192 1.10 12.77 -14.61
C THR A 192 0.66 12.61 -13.15
N PHE A 193 1.52 12.03 -12.29
CA PHE A 193 1.24 11.98 -10.88
C PHE A 193 1.38 13.34 -10.23
N VAL A 194 2.38 14.13 -10.64
CA VAL A 194 2.47 15.48 -10.14
C VAL A 194 1.16 16.24 -10.39
N ALA A 195 0.61 16.10 -11.60
CA ALA A 195 -0.63 16.77 -11.93
C ALA A 195 -1.82 16.24 -11.14
N PHE A 196 -1.89 14.92 -10.97
CA PHE A 196 -2.95 14.30 -10.16
C PHE A 196 -2.92 14.84 -8.73
N ASN A 197 -1.72 14.88 -8.16
CA ASN A 197 -1.52 15.38 -6.82
C ASN A 197 -1.99 16.83 -6.66
N GLU A 198 -1.81 17.65 -7.71
CA GLU A 198 -2.30 19.03 -7.66
C GLU A 198 -3.81 19.10 -7.53
N GLY A 199 -4.50 18.12 -8.10
CA GLY A 199 -5.95 18.03 -7.95
C GLY A 199 -6.43 17.52 -6.60
N LEU A 200 -5.50 17.32 -5.67
CA LEU A 200 -5.82 17.02 -4.30
C LEU A 200 -5.66 18.22 -3.37
N ALA A 201 -5.09 19.34 -3.88
CA ALA A 201 -4.75 20.49 -3.05
C ALA A 201 -5.96 21.37 -2.74
N ASP A 202 -5.87 22.03 -1.60
CA ASP A 202 -6.75 23.14 -1.26
C ASP A 202 -5.86 24.34 -0.91
N VAL A 203 -6.44 25.53 -0.96
CA VAL A 203 -5.71 26.75 -0.60
C VAL A 203 -6.54 27.44 0.48
N ASP A 204 -5.89 27.72 1.61
CA ASP A 204 -6.56 28.32 2.76
C ASP A 204 -6.76 29.84 2.61
N ALA A 205 -7.40 30.44 3.62
CA ALA A 205 -7.69 31.87 3.62
C ALA A 205 -6.45 32.78 3.56
N GLN A 206 -5.32 32.26 4.03
CA GLN A 206 -4.03 32.98 3.96
C GLN A 206 -3.26 32.79 2.65
N GLY A 207 -3.78 31.98 1.74
CA GLY A 207 -3.14 31.75 0.44
C GLY A 207 -2.20 30.55 0.40
N ASN A 208 -2.14 29.81 1.51
CA ASN A 208 -1.28 28.63 1.59
C ASN A 208 -1.95 27.35 1.10
N LYS A 209 -1.17 26.57 0.37
CA LYS A 209 -1.64 25.34 -0.24
C LYS A 209 -1.46 24.18 0.72
N HIS A 210 -2.45 23.29 0.77
CA HIS A 210 -2.40 22.09 1.60
C HIS A 210 -2.78 20.88 0.80
N TYR A 211 -2.15 19.77 1.12
CA TYR A 211 -2.35 18.48 0.45
C TYR A 211 -2.61 17.38 1.46
N PRO A 212 -3.31 16.32 1.04
CA PRO A 212 -3.28 15.13 1.86
C PRO A 212 -1.88 14.48 1.78
N PRO A 213 -1.31 14.09 2.92
CA PRO A 213 -0.15 13.20 2.85
C PRO A 213 -0.52 11.92 2.12
N ILE A 214 0.43 11.36 1.38
CA ILE A 214 0.23 10.12 0.62
C ILE A 214 1.38 9.18 0.92
N ILE A 215 1.07 7.96 1.31
CA ILE A 215 2.07 6.87 1.36
C ILE A 215 2.16 6.28 -0.05
N PHE A 216 3.19 6.72 -0.76
CA PHE A 216 3.39 6.39 -2.16
C PHE A 216 4.23 5.10 -2.25
N ARG A 217 3.68 4.09 -2.90
CA ARG A 217 4.23 2.72 -2.86
C ARG A 217 4.41 2.19 -4.27
N PRO A 218 5.45 2.70 -4.96
CA PRO A 218 5.67 2.37 -6.37
C PRO A 218 6.46 1.06 -6.56
N TRP A 219 6.43 0.54 -7.77
CA TRP A 219 7.36 -0.49 -8.19
C TRP A 219 7.34 -1.68 -7.21
N HIS A 220 6.15 -2.09 -6.84
CA HIS A 220 5.97 -3.08 -5.78
C HIS A 220 6.17 -4.51 -6.24
N GLU A 221 6.41 -5.39 -5.27
CA GLU A 221 6.53 -6.83 -5.53
C GLU A 221 7.62 -7.11 -6.56
N HIS A 222 8.70 -6.33 -6.49
CA HIS A 222 9.75 -6.33 -7.51
C HIS A 222 10.66 -7.56 -7.43
N ASN A 223 10.58 -8.32 -6.34
CA ASN A 223 11.29 -9.58 -6.23
C ASN A 223 10.52 -10.73 -6.87
N GLY A 224 9.29 -10.49 -7.27
CA GLY A 224 8.55 -11.41 -8.11
C GLY A 224 8.89 -11.19 -9.58
N ASP A 225 8.40 -12.07 -10.44
CA ASP A 225 8.67 -12.01 -11.87
C ASP A 225 7.42 -11.72 -12.69
N TRP A 226 6.34 -11.25 -12.05
CA TRP A 226 5.07 -11.05 -12.74
C TRP A 226 4.87 -9.67 -13.35
N PHE A 227 5.61 -8.67 -12.86
CA PHE A 227 5.57 -7.32 -13.45
C PHE A 227 6.84 -7.08 -14.25
N TRP A 228 6.76 -6.14 -15.20
CA TRP A 228 7.94 -5.87 -16.05
C TRP A 228 9.11 -5.24 -15.30
N TRP A 229 8.87 -4.65 -14.12
CA TRP A 229 9.97 -4.16 -13.28
C TRP A 229 10.53 -5.21 -12.34
N GLY A 230 10.06 -6.46 -12.47
CA GLY A 230 10.44 -7.53 -11.58
C GLY A 230 11.68 -8.30 -11.95
N LYS A 231 12.08 -9.17 -11.04
CA LYS A 231 13.26 -10.01 -11.17
C LYS A 231 13.08 -10.88 -12.43
N GLY A 232 14.14 -10.94 -13.23
CA GLY A 232 14.10 -11.63 -14.52
C GLY A 232 13.86 -10.72 -15.72
N HIS A 233 13.33 -9.52 -15.46
CA HIS A 233 12.99 -8.54 -16.50
C HIS A 233 13.77 -7.25 -16.40
N ALA A 234 14.35 -7.03 -15.23
CA ALA A 234 15.18 -5.87 -14.92
C ALA A 234 16.31 -6.34 -14.04
N SER A 235 17.52 -5.83 -14.24
CA SER A 235 18.62 -6.16 -13.34
C SER A 235 18.39 -5.50 -12.01
N GLU A 236 18.99 -6.05 -10.96
CA GLU A 236 18.87 -5.49 -9.63
C GLU A 236 19.37 -4.05 -9.60
N GLN A 237 20.51 -3.78 -10.24
CA GLN A 237 21.03 -2.44 -10.25
C GLN A 237 20.13 -1.46 -11.01
N ASP A 238 19.54 -1.92 -12.11
CA ASP A 238 18.64 -1.04 -12.84
C ASP A 238 17.36 -0.76 -12.06
N TYR A 239 16.84 -1.75 -11.34
CA TYR A 239 15.70 -1.51 -10.46
C TYR A 239 16.05 -0.43 -9.43
N ILE A 240 17.22 -0.55 -8.80
CA ILE A 240 17.62 0.44 -7.83
C ILE A 240 17.73 1.81 -8.49
N ALA A 241 18.27 1.90 -9.70
CA ALA A 241 18.35 3.18 -10.38
C ALA A 241 16.96 3.77 -10.67
N LEU A 242 16.00 2.91 -11.00
CA LEU A 242 14.63 3.34 -11.24
C LEU A 242 14.01 3.92 -9.97
N TRP A 243 14.18 3.24 -8.84
CA TRP A 243 13.63 3.70 -7.58
C TRP A 243 14.27 5.03 -7.21
N ARG A 244 15.61 5.08 -7.24
CA ARG A 244 16.30 6.31 -6.84
C ARG A 244 15.89 7.48 -7.72
N PHE A 245 15.75 7.28 -9.03
CA PHE A 245 15.29 8.34 -9.89
C PHE A 245 13.88 8.80 -9.54
N THR A 246 13.01 7.85 -9.21
CA THR A 246 11.64 8.20 -8.86
C THR A 246 11.63 9.17 -7.67
N VAL A 247 12.42 8.86 -6.64
CA VAL A 247 12.53 9.73 -5.47
C VAL A 247 13.19 11.05 -5.83
N HIS A 248 14.32 11.03 -6.54
CA HIS A 248 14.96 12.29 -6.89
C HIS A 248 14.01 13.17 -7.69
N TYR A 249 13.28 12.59 -8.63
CA TYR A 249 12.42 13.37 -9.51
C TYR A 249 11.27 13.97 -8.73
N LEU A 250 10.56 13.16 -7.95
CA LEU A 250 9.39 13.66 -7.24
C LEU A 250 9.74 14.57 -6.06
N ARG A 251 10.71 14.15 -5.24
CA ARG A 251 11.06 14.92 -4.05
C ARG A 251 11.91 16.14 -4.39
N ASP A 252 12.91 15.98 -5.29
CA ASP A 252 13.92 17.02 -5.48
C ASP A 252 13.66 17.88 -6.70
N GLU A 253 13.30 17.32 -7.83
CA GLU A 253 13.08 18.10 -9.05
CA GLU A 253 13.09 18.11 -9.03
C GLU A 253 11.71 18.75 -9.01
N LYS A 254 10.69 17.97 -8.70
CA LYS A 254 9.31 18.43 -8.68
C LYS A 254 8.87 19.02 -7.33
N LYS A 255 9.66 18.77 -6.29
CA LYS A 255 9.48 19.35 -4.98
C LYS A 255 8.12 19.02 -4.36
N LEU A 256 7.69 17.77 -4.55
CA LEU A 256 6.54 17.29 -3.80
CA LEU A 256 6.49 17.27 -3.78
C LEU A 256 6.95 17.09 -2.35
N ARG A 257 6.13 17.58 -1.42
CA ARG A 257 6.44 17.59 -0.01
C ARG A 257 5.45 16.80 0.84
N ASN A 258 4.51 16.15 0.17
CA ASN A 258 3.43 15.43 0.87
C ASN A 258 3.52 13.92 0.68
N LEU A 259 4.70 13.38 0.37
CA LEU A 259 4.88 11.95 0.14
C LEU A 259 5.71 11.30 1.23
N ILE A 260 5.29 10.06 1.53
CA ILE A 260 5.99 9.09 2.38
C ILE A 260 6.22 7.87 1.50
N TYR A 261 7.46 7.40 1.34
CA TYR A 261 7.79 6.39 0.34
C TYR A 261 7.82 4.98 0.95
N ALA A 262 7.02 4.07 0.40
CA ALA A 262 6.92 2.70 0.90
C ALA A 262 7.48 1.68 -0.09
N TYR A 263 8.34 0.81 0.44
CA TYR A 263 9.00 -0.29 -0.28
C TYR A 263 8.26 -1.59 0.07
N SER A 264 7.96 -2.45 -0.91
CA SER A 264 7.07 -3.59 -0.67
C SER A 264 7.35 -4.84 -1.51
N PRO A 265 8.43 -5.56 -1.18
CA PRO A 265 8.65 -6.89 -1.76
C PRO A 265 7.51 -7.83 -1.42
N ASP A 266 7.40 -8.93 -2.17
CA ASP A 266 6.43 -9.97 -1.92
C ASP A 266 7.07 -11.09 -1.10
N ARG A 267 6.44 -11.44 -0.01
CA ARG A 267 6.90 -12.56 0.83
CA ARG A 267 7.02 -12.58 0.77
C ARG A 267 7.07 -13.93 0.14
N SER A 268 6.20 -14.17 -0.81
CA SER A 268 6.17 -15.47 -1.50
C SER A 268 7.46 -15.77 -2.26
N ARG A 269 8.29 -14.75 -2.47
CA ARG A 269 9.55 -14.95 -3.17
C ARG A 269 10.73 -14.63 -2.27
N ILE A 270 10.52 -14.67 -0.95
CA ILE A 270 11.59 -14.55 0.04
C ILE A 270 11.79 -15.92 0.72
N ASP A 271 13.04 -16.36 0.81
CA ASP A 271 13.43 -17.58 1.51
C ASP A 271 13.40 -17.27 2.99
N MET A 272 12.53 -17.96 3.74
CA MET A 272 12.39 -17.69 5.18
C MET A 272 13.62 -18.07 5.99
N ALA A 273 14.52 -18.88 5.41
CA ALA A 273 15.78 -19.18 6.08
C ALA A 273 16.80 -18.03 5.95
N ASN A 274 16.51 -17.09 5.04
CA ASN A 274 17.42 -15.98 4.75
CA ASN A 274 17.43 -15.98 4.77
C ASN A 274 16.59 -14.73 4.44
N PHE A 275 15.76 -14.34 5.40
CA PHE A 275 14.71 -13.36 5.14
C PHE A 275 15.28 -12.01 4.79
N GLU A 276 16.24 -11.52 5.56
CA GLU A 276 16.75 -10.18 5.34
C GLU A 276 17.37 -10.05 3.97
N ALA A 277 18.17 -11.04 3.55
CA ALA A 277 18.81 -10.96 2.22
C ALA A 277 17.77 -10.90 1.11
N GLY A 278 16.72 -11.71 1.25
CA GLY A 278 15.69 -11.74 0.24
C GLY A 278 14.88 -10.43 0.25
N TYR A 279 14.59 -9.91 1.44
CA TYR A 279 13.84 -8.66 1.57
C TYR A 279 14.59 -7.51 0.92
N LEU A 280 15.92 -7.51 1.05
CA LEU A 280 16.75 -6.42 0.59
C LEU A 280 17.22 -6.57 -0.86
N TYR A 281 16.77 -7.60 -1.57
CA TYR A 281 16.98 -7.68 -3.01
C TYR A 281 16.34 -6.43 -3.65
N GLY A 282 17.14 -5.63 -4.34
CA GLY A 282 16.64 -4.40 -4.97
C GLY A 282 16.39 -3.25 -4.02
N TYR A 283 16.82 -3.36 -2.76
CA TYR A 283 16.56 -2.26 -1.82
C TYR A 283 17.41 -1.06 -2.23
N PRO A 284 16.80 0.13 -2.34
CA PRO A 284 17.52 1.26 -2.95
C PRO A 284 18.36 2.06 -1.98
N GLY A 285 18.24 1.80 -0.69
CA GLY A 285 18.94 2.55 0.34
C GLY A 285 18.03 3.32 1.27
N ASP A 286 18.51 3.54 2.48
CA ASP A 286 17.73 4.21 3.52
C ASP A 286 17.37 5.64 3.15
N ALA A 287 18.12 6.30 2.28
CA ALA A 287 17.80 7.65 1.86
C ALA A 287 16.65 7.73 0.86
N TYR A 288 16.05 6.57 0.56
CA TYR A 288 15.03 6.46 -0.47
C TYR A 288 13.72 5.77 0.00
N VAL A 289 13.66 5.40 1.27
CA VAL A 289 12.53 4.61 1.79
C VAL A 289 12.16 5.13 3.17
N ASP A 290 10.85 5.31 3.40
CA ASP A 290 10.29 5.66 4.71
C ASP A 290 9.57 4.50 5.42
N ILE A 291 8.87 3.70 4.63
CA ILE A 291 8.10 2.55 5.14
CA ILE A 291 8.08 2.55 5.14
C ILE A 291 8.63 1.23 4.56
N ILE A 292 8.98 0.36 5.51
CA ILE A 292 9.47 -0.99 5.26
C ILE A 292 8.24 -1.88 5.20
N GLY A 293 7.71 -2.01 3.99
CA GLY A 293 6.48 -2.74 3.74
C GLY A 293 6.68 -4.16 3.26
N LEU A 294 5.59 -4.85 3.02
CA LEU A 294 5.61 -6.27 2.67
C LEU A 294 4.25 -6.64 2.14
N ASP A 295 4.22 -7.36 1.02
CA ASP A 295 3.01 -7.93 0.51
C ASP A 295 3.05 -9.43 0.85
N ASN A 296 2.16 -9.87 1.71
CA ASN A 296 2.15 -11.26 2.17
C ASN A 296 0.75 -11.85 2.13
N TYR A 297 0.42 -12.43 1.00
CA TYR A 297 -0.78 -13.24 0.83
C TYR A 297 -0.47 -14.73 1.06
N TRP A 298 0.80 -15.08 1.12
CA TRP A 298 1.23 -16.47 1.13
C TRP A 298 0.87 -17.15 2.45
N ASP A 299 1.17 -16.51 3.57
CA ASP A 299 1.03 -17.10 4.90
C ASP A 299 -0.38 -16.95 5.48
N VAL A 300 -1.31 -16.46 4.68
CA VAL A 300 -2.69 -16.27 5.11
C VAL A 300 -3.65 -17.09 4.25
N GLY A 301 -3.14 -18.21 3.71
CA GLY A 301 -3.98 -19.25 3.14
C GLY A 301 -4.04 -19.30 1.64
N HIS A 302 -3.05 -18.73 0.95
CA HIS A 302 -3.02 -18.76 -0.50
C HIS A 302 -3.23 -20.20 -0.99
N GLU A 303 -4.07 -20.37 -2.01
CA GLU A 303 -4.45 -21.71 -2.50
C GLU A 303 -3.25 -22.58 -2.90
N ALA A 304 -2.17 -21.97 -3.36
CA ALA A 304 -0.99 -22.70 -3.82
C ALA A 304 -0.01 -23.08 -2.71
N ASN A 305 -0.24 -22.60 -1.50
CA ASN A 305 0.64 -22.88 -0.37
C ASN A 305 0.23 -24.17 0.32
N THR A 306 1.11 -25.17 0.26
CA THR A 306 0.81 -26.49 0.81
C THR A 306 1.13 -26.62 2.30
N ALA A 307 1.74 -25.58 2.89
CA ALA A 307 2.04 -25.59 4.33
C ALA A 307 0.74 -25.70 5.14
N SER A 308 0.81 -26.39 6.29
CA SER A 308 -0.37 -26.46 7.18
C SER A 308 -0.73 -25.08 7.71
N ALA A 309 -1.96 -24.94 8.17
CA ALA A 309 -2.40 -23.68 8.76
C ALA A 309 -1.49 -23.29 9.91
N ASP A 310 -1.04 -24.24 10.73
CA ASP A 310 -0.17 -23.91 11.85
C ASP A 310 1.20 -23.42 11.41
N GLU A 311 1.74 -24.03 10.37
CA GLU A 311 3.00 -23.57 9.80
C GLU A 311 2.83 -22.17 9.19
N GLN A 312 1.71 -21.93 8.53
CA GLN A 312 1.45 -20.63 7.91
C GLN A 312 1.34 -19.53 8.96
N LYS A 313 0.61 -19.78 10.05
CA LYS A 313 0.51 -18.79 11.13
C LYS A 313 1.88 -18.45 11.68
N ALA A 314 2.72 -19.47 11.91
CA ALA A 314 4.05 -19.23 12.42
C ALA A 314 4.89 -18.42 11.44
N ALA A 315 4.76 -18.72 10.14
CA ALA A 315 5.50 -17.99 9.12
C ALA A 315 5.03 -16.54 9.02
N LEU A 316 3.72 -16.29 9.14
CA LEU A 316 3.24 -14.90 9.15
C LEU A 316 3.90 -14.13 10.28
N THR A 317 3.86 -14.68 11.50
CA THR A 317 4.48 -14.01 12.62
C THR A 317 5.96 -13.77 12.39
N ALA A 318 6.67 -14.79 11.90
CA ALA A 318 8.10 -14.67 11.66
C ALA A 318 8.43 -13.62 10.59
N SER A 319 7.61 -13.57 9.54
CA SER A 319 7.86 -12.59 8.47
C SER A 319 7.73 -11.17 9.03
N LEU A 320 6.71 -10.94 9.86
CA LEU A 320 6.48 -9.61 10.42
C LEU A 320 7.48 -9.24 11.50
N LYS A 321 7.88 -10.22 12.32
CA LYS A 321 8.93 -10.02 13.31
C LYS A 321 10.20 -9.53 12.63
N GLN A 322 10.60 -10.23 11.57
CA GLN A 322 11.83 -9.86 10.86
C GLN A 322 11.67 -8.53 10.12
N LEU A 323 10.50 -8.27 9.56
CA LEU A 323 10.21 -6.98 8.94
C LEU A 323 10.40 -5.84 9.92
N VAL A 324 9.85 -5.99 11.11
CA VAL A 324 9.98 -5.00 12.16
C VAL A 324 11.43 -4.81 12.63
N GLN A 325 12.15 -5.91 12.75
CA GLN A 325 13.55 -5.82 13.12
C GLN A 325 14.37 -5.06 12.08
N ILE A 326 14.10 -5.30 10.81
CA ILE A 326 14.73 -4.52 9.74
C ILE A 326 14.38 -3.04 9.86
N ALA A 327 13.09 -2.73 10.03
CA ALA A 327 12.67 -1.34 10.16
C ALA A 327 13.34 -0.67 11.36
N ARG A 328 13.39 -1.38 12.50
CA ARG A 328 14.01 -0.82 13.70
CA ARG A 328 14.05 -0.87 13.70
C ARG A 328 15.53 -0.50 13.47
N SER A 329 16.20 -1.43 12.82
CA SER A 329 17.62 -1.22 12.54
C SER A 329 17.86 0.00 11.66
N LYS A 330 16.90 0.29 10.77
CA LYS A 330 17.00 1.38 9.81
C LYS A 330 16.34 2.67 10.26
N GLY A 331 15.70 2.70 11.43
CA GLY A 331 14.98 3.88 11.86
C GLY A 331 13.73 4.21 11.05
N LYS A 332 13.04 3.17 10.59
CA LYS A 332 11.88 3.29 9.72
C LYS A 332 10.65 2.75 10.46
N ILE A 333 9.52 2.68 9.76
CA ILE A 333 8.28 2.10 10.25
C ILE A 333 7.93 0.95 9.32
N ALA A 334 7.49 -0.17 9.89
CA ALA A 334 7.09 -1.35 9.12
C ALA A 334 5.57 -1.39 8.95
N ALA A 335 5.11 -2.04 7.88
CA ALA A 335 3.66 -2.21 7.65
C ALA A 335 3.45 -3.43 6.76
N LEU A 336 2.30 -4.08 6.95
CA LEU A 336 1.84 -5.16 6.08
C LEU A 336 1.00 -4.51 4.99
N THR A 337 1.68 -4.10 3.91
CA THR A 337 1.09 -3.23 2.93
C THR A 337 0.07 -3.90 2.03
N GLU A 338 0.15 -5.21 1.86
CA GLU A 338 -0.92 -5.98 1.23
C GLU A 338 -1.02 -7.36 1.84
N THR A 339 -2.25 -7.82 2.04
CA THR A 339 -2.53 -9.18 2.46
C THR A 339 -3.99 -9.48 2.16
N GLY A 340 -4.39 -10.69 2.51
CA GLY A 340 -5.79 -11.07 2.48
C GLY A 340 -5.99 -12.46 1.94
N ASN A 341 -7.22 -12.96 2.09
CA ASN A 341 -7.65 -14.28 1.61
C ASN A 341 -8.71 -14.05 0.55
N ASN A 342 -8.34 -14.26 -0.71
CA ASN A 342 -9.24 -13.96 -1.83
C ASN A 342 -10.52 -14.79 -1.71
N ARG A 343 -11.65 -14.09 -1.71
CA ARG A 343 -13.00 -14.66 -1.60
C ARG A 343 -13.33 -15.14 -0.18
N LEU A 344 -12.44 -14.90 0.77
CA LEU A 344 -12.74 -15.08 2.20
C LEU A 344 -13.41 -16.43 2.47
N THR A 345 -12.67 -17.45 2.09
CA THR A 345 -13.07 -18.85 2.20
C THR A 345 -12.66 -19.50 3.51
N ILE A 346 -11.87 -18.83 4.34
CA ILE A 346 -11.31 -19.38 5.57
C ILE A 346 -12.15 -18.94 6.75
N ASP A 347 -12.69 -19.91 7.50
CA ASP A 347 -13.47 -19.64 8.71
CA ASP A 347 -13.49 -19.61 8.68
C ASP A 347 -12.67 -18.80 9.67
N ASN A 348 -13.28 -17.75 10.24
CA ASN A 348 -12.62 -16.89 11.23
C ASN A 348 -11.26 -16.36 10.72
N PHE A 349 -11.20 -16.04 9.42
CA PHE A 349 -9.97 -15.57 8.82
C PHE A 349 -9.35 -14.42 9.62
N TRP A 350 -10.17 -13.42 9.95
CA TRP A 350 -9.67 -12.18 10.49
C TRP A 350 -9.01 -12.33 11.84
N THR A 351 -9.68 -13.03 12.76
CA THR A 351 -9.16 -13.16 14.09
C THR A 351 -8.10 -14.27 14.18
N GLU A 352 -8.31 -15.36 13.46
CA GLU A 352 -7.44 -16.52 13.60
C GLU A 352 -6.21 -16.51 12.69
N ARG A 353 -6.35 -15.96 11.48
CA ARG A 353 -5.24 -15.98 10.53
C ARG A 353 -4.50 -14.66 10.36
N LEU A 354 -5.11 -13.56 10.78
CA LEU A 354 -4.49 -12.27 10.66
C LEU A 354 -4.16 -11.69 12.03
N LEU A 355 -5.17 -11.34 12.82
CA LEU A 355 -4.92 -10.69 14.08
C LEU A 355 -4.13 -11.56 15.06
N GLY A 356 -4.51 -12.84 15.16
CA GLY A 356 -3.85 -13.72 16.13
C GLY A 356 -2.34 -13.77 15.91
N PRO A 357 -1.91 -14.11 14.68
CA PRO A 357 -0.46 -14.20 14.45
C PRO A 357 0.27 -12.89 14.59
N ILE A 358 -0.38 -11.76 14.29
CA ILE A 358 0.26 -10.46 14.47
C ILE A 358 0.47 -10.18 15.97
N SER A 359 -0.56 -10.48 16.78
CA SER A 359 -0.57 -10.17 18.19
C SER A 359 0.24 -11.14 19.04
N ALA A 360 0.67 -12.26 18.44
CA ALA A 360 1.39 -13.32 19.16
C ALA A 360 2.79 -12.95 19.57
N ASP A 361 3.39 -11.98 18.88
CA ASP A 361 4.78 -11.60 19.05
C ASP A 361 4.85 -10.08 19.11
N ALA A 362 5.56 -9.53 20.09
CA ALA A 362 5.59 -8.09 20.33
C ALA A 362 6.37 -7.34 19.27
N ASP A 363 7.30 -7.99 18.59
CA ASP A 363 7.96 -7.39 17.43
C ASP A 363 6.97 -7.37 16.25
N ALA A 364 6.38 -8.50 15.91
CA ALA A 364 5.43 -8.56 14.81
C ALA A 364 4.33 -7.52 14.98
N SER A 365 3.88 -7.32 16.20
CA SER A 365 2.77 -6.42 16.45
CA SER A 365 2.79 -6.41 16.52
C SER A 365 3.13 -4.95 16.23
N GLU A 366 4.43 -4.63 16.08
CA GLU A 366 4.82 -3.22 15.90
CA GLU A 366 4.92 -3.25 15.88
C GLU A 366 4.69 -2.72 14.46
N ILE A 367 4.12 -3.52 13.57
CA ILE A 367 3.68 -2.97 12.30
C ILE A 367 2.61 -1.91 12.56
N ALA A 368 2.58 -0.87 11.72
CA ALA A 368 1.69 0.26 11.91
C ALA A 368 0.31 0.03 11.30
N TYR A 369 0.24 -0.72 10.20
CA TYR A 369 -1.02 -0.92 9.50
C TYR A 369 -0.97 -2.20 8.71
N VAL A 370 -2.15 -2.65 8.35
CA VAL A 370 -2.40 -3.81 7.48
CA VAL A 370 -2.39 -3.82 7.48
C VAL A 370 -3.49 -3.44 6.45
N MET A 371 -3.20 -3.64 5.18
CA MET A 371 -4.17 -3.33 4.14
C MET A 371 -4.50 -4.60 3.35
N VAL A 372 -5.79 -4.78 3.06
CA VAL A 372 -6.24 -5.86 2.20
C VAL A 372 -6.68 -5.29 0.87
N TRP A 373 -6.67 -6.16 -0.15
CA TRP A 373 -6.90 -5.73 -1.53
C TRP A 373 -8.40 -5.56 -1.84
N ARG A 374 -8.70 -5.21 -3.10
CA ARG A 374 -9.95 -4.63 -3.49
C ARG A 374 -11.11 -5.64 -3.55
N ASN A 375 -12.32 -5.10 -3.52
CA ASN A 375 -13.56 -5.89 -3.61
C ASN A 375 -14.17 -5.70 -5.00
N ALA A 376 -13.63 -6.45 -5.96
CA ALA A 376 -14.04 -6.29 -7.35
C ALA A 376 -15.54 -6.45 -7.55
N ASN A 377 -16.11 -5.64 -8.45
CA ASN A 377 -17.54 -5.61 -8.69
C ASN A 377 -17.92 -6.73 -9.67
N LEU A 378 -18.78 -7.64 -9.21
CA LEU A 378 -19.19 -8.80 -10.02
C LEU A 378 -19.96 -8.46 -11.30
N ALA A 379 -20.76 -7.41 -11.25
CA ALA A 379 -21.57 -7.06 -12.43
C ALA A 379 -20.70 -6.67 -13.61
N ARG A 380 -19.50 -6.15 -13.39
CA ARG A 380 -18.64 -5.82 -14.53
C ARG A 380 -17.34 -6.55 -14.66
N GLU A 381 -16.91 -7.26 -13.62
CA GLU A 381 -15.72 -8.11 -13.72
C GLU A 381 -16.14 -9.58 -13.52
N LYS A 382 -15.77 -10.42 -14.44
CA LYS A 382 -16.30 -11.79 -14.38
C LYS A 382 -15.57 -12.72 -13.43
N SER A 383 -14.36 -12.36 -13.00
CA SER A 383 -13.62 -13.14 -12.02
C SER A 383 -13.92 -12.66 -10.61
N GLU A 384 -14.55 -13.49 -9.79
CA GLU A 384 -14.87 -13.15 -8.39
C GLU A 384 -13.60 -12.93 -7.59
N GLN A 385 -13.52 -11.76 -6.95
CA GLN A 385 -12.27 -11.36 -6.29
C GLN A 385 -12.64 -10.34 -5.22
N PHE A 386 -12.34 -10.66 -3.97
CA PHE A 386 -12.57 -9.71 -2.90
C PHE A 386 -11.79 -10.11 -1.66
N PHE A 387 -11.41 -9.12 -0.87
CA PHE A 387 -10.58 -9.35 0.31
C PHE A 387 -11.18 -8.80 1.60
N ALA A 388 -12.18 -7.94 1.53
CA ALA A 388 -12.96 -7.54 2.68
C ALA A 388 -14.36 -8.17 2.54
N PRO A 389 -15.10 -8.39 3.65
CA PRO A 389 -16.44 -8.93 3.48
C PRO A 389 -17.41 -7.85 3.04
N PHE A 390 -18.63 -8.30 2.82
CA PHE A 390 -19.80 -7.46 2.57
C PHE A 390 -20.94 -8.12 3.36
N PRO A 391 -22.06 -7.42 3.54
CA PRO A 391 -23.10 -8.03 4.40
C PRO A 391 -23.57 -9.38 3.87
N GLY A 392 -23.62 -10.33 4.81
CA GLY A 392 -23.99 -11.70 4.51
C GLY A 392 -22.86 -12.62 4.10
N GLN A 393 -21.67 -12.07 3.80
CA GLN A 393 -20.53 -12.92 3.50
C GLN A 393 -20.13 -13.70 4.77
N ALA A 394 -19.63 -14.92 4.59
CA ALA A 394 -19.40 -15.82 5.72
C ALA A 394 -18.50 -15.27 6.83
N THR A 395 -17.50 -14.46 6.47
CA THR A 395 -16.57 -13.93 7.46
C THR A 395 -16.96 -12.58 8.03
N ALA A 396 -18.16 -12.08 7.72
CA ALA A 396 -18.58 -10.78 8.19
C ALA A 396 -18.58 -10.63 9.71
N ASP A 397 -19.13 -11.59 10.45
CA ASP A 397 -19.11 -11.47 11.91
C ASP A 397 -17.69 -11.50 12.48
N ASP A 398 -16.83 -12.34 11.91
CA ASP A 398 -15.45 -12.37 12.36
C ASP A 398 -14.71 -11.06 12.02
N PHE A 399 -15.06 -10.45 10.90
CA PHE A 399 -14.55 -9.11 10.56
C PHE A 399 -15.05 -8.07 11.56
N LYS A 400 -16.31 -8.20 11.96
CA LYS A 400 -16.76 -7.31 13.10
CA LYS A 400 -16.77 -7.33 13.05
C LYS A 400 -15.90 -7.47 14.39
N ARG A 401 -15.59 -8.75 14.69
CA ARG A 401 -14.71 -8.99 15.84
C ARG A 401 -13.33 -8.35 15.66
N PHE A 402 -12.78 -8.46 14.44
CA PHE A 402 -11.50 -7.84 14.13
C PHE A 402 -11.57 -6.31 14.34
N TYR A 403 -12.60 -5.69 13.78
CA TYR A 403 -12.90 -4.27 14.00
C TYR A 403 -13.02 -3.93 15.47
N GLN A 404 -13.74 -4.77 16.22
CA GLN A 404 -14.00 -4.51 17.63
C GLN A 404 -12.79 -4.60 18.50
N SER A 405 -11.77 -5.34 18.08
CA SER A 405 -10.55 -5.52 18.87
CA SER A 405 -10.61 -5.52 18.93
C SER A 405 -10.00 -4.16 19.31
N GLU A 406 -9.55 -4.05 20.54
CA GLU A 406 -8.96 -2.80 21.00
C GLU A 406 -7.70 -2.45 20.16
N VAL A 407 -6.98 -3.44 19.68
CA VAL A 407 -5.76 -3.20 18.88
C VAL A 407 -6.06 -2.51 17.56
N VAL A 408 -7.09 -2.95 16.87
CA VAL A 408 -7.36 -2.57 15.50
C VAL A 408 -8.15 -1.28 15.43
N LEU A 409 -7.64 -0.31 14.65
CA LEU A 409 -8.32 0.97 14.45
C LEU A 409 -8.82 1.10 13.03
N PHE A 410 -10.10 1.42 12.91
CA PHE A 410 -10.72 1.88 11.69
C PHE A 410 -10.84 3.42 11.80
N GLU A 411 -11.43 4.05 10.78
CA GLU A 411 -11.46 5.51 10.72
C GLU A 411 -12.12 6.13 11.93
N ASP A 412 -13.12 5.46 12.49
CA ASP A 412 -13.96 6.02 13.56
C ASP A 412 -13.25 6.19 14.90
N GLU A 413 -12.12 5.51 15.11
CA GLU A 413 -11.39 5.63 16.38
C GLU A 413 -9.94 6.09 16.21
N LEU A 414 -9.62 6.66 15.06
CA LEU A 414 -8.29 7.22 14.87
C LEU A 414 -8.10 8.44 15.75
N PRO A 415 -6.91 8.57 16.35
CA PRO A 415 -6.59 9.87 16.93
C PRO A 415 -6.29 10.86 15.82
N PRO A 416 -6.10 12.14 16.16
CA PRO A 416 -5.80 13.12 15.12
C PRO A 416 -4.39 12.92 14.59
N LEU A 417 -4.27 12.32 13.41
CA LEU A 417 -2.97 11.92 12.88
C LEU A 417 -2.16 13.06 12.29
N TYR A 418 -2.80 14.17 12.00
CA TYR A 418 -2.19 15.20 11.18
C TYR A 418 -1.77 16.44 11.95
N ARG A 419 -1.74 16.33 13.28
CA ARG A 419 -1.11 17.38 14.13
C ARG A 419 -0.23 16.78 15.23
NA NA B . -10.96 -1.67 17.27
NA NA C . 0.99 -2.29 15.67
C1 BMA D . -4.58 -7.21 -8.95
C2 BMA D . -5.99 -7.62 -9.31
C3 BMA D . -6.30 -7.06 -10.69
C4 BMA D . -6.15 -5.54 -10.66
C5 BMA D . -4.79 -5.12 -10.09
C6 BMA D . -4.70 -3.61 -9.87
O2 BMA D . -6.94 -7.13 -8.36
O3 BMA D . -7.65 -7.45 -11.06
O4 BMA D . -6.28 -5.00 -11.99
O5 BMA D . -4.55 -5.76 -8.83
O6 BMA D . -5.72 -3.14 -9.00
O4 IFM E . -4.31 -7.65 -7.64
C4 IFM E . -3.00 -8.08 -7.28
C3 IFM E . -1.92 -7.02 -7.58
O3 IFM E . -1.67 -6.92 -8.99
C2 IFM E . -0.58 -7.40 -6.94
N IFM E . -0.73 -7.66 -5.51
C1 IFM E . -1.69 -8.73 -5.24
C5 IFM E . -3.05 -8.31 -5.77
C6 IFM E . -4.11 -9.34 -5.37
O6 IFM E . -3.85 -10.64 -5.93
#